data_1FJL
#
_entry.id   1FJL
#
_cell.length_a   72.210
_cell.length_b   146.890
_cell.length_c   77.230
_cell.angle_alpha   90.00
_cell.angle_beta   90.00
_cell.angle_gamma   90.00
#
_symmetry.space_group_name_H-M   'C 2 2 21'
#
loop_
_entity.id
_entity.type
_entity.pdbx_description
1 polymer 'PAIRED PROTEIN'
2 polymer "DNA (5'-D(*AP*AP*TP*AP*AP*TP*CP*TP*GP*AP*TP*TP*AP*C)-3')"
3 polymer "DNA (5'-D(*TP*GP*TP*AP*AP*TP*CP*AP*GP*AP*TP*TP*AP*T)-3')"
4 polymer "DNA (5'-D(*TP*GP*TP*AP*AP*TP*CP*TP*GP*AP*TP*TP*AP*C)-3')"
5 water water
#
loop_
_entity_poly.entity_id
_entity_poly.type
_entity_poly.pdbx_seq_one_letter_code
_entity_poly.pdbx_strand_id
1 'polypeptide(L)'
;EDISDCESEPGIALKRKQRRSRTTFSASQLDELERAFERTQYPDIYTREELAQRTNLTEARIQVWFQNRRARLRKQHTSV
S
;
A,B,C
2 'polydeoxyribonucleotide' (DA)(DA)(DT)(DA)(DA)(DT)(DC)(DT)(DG)(DA)(DT)(DT)(DA)(DC) D
3 'polydeoxyribonucleotide' (DT)(DG)(DT)(DA)(DA)(DT)(DC)(DA)(DG)(DA)(DT)(DT)(DA)(DT) E
4 'polydeoxyribonucleotide' (DT)(DG)(DT)(DA)(DA)(DT)(DC)(DT)(DG)(DA)(DT)(DT)(DA)(DC) F
#
loop_
_chem_comp.id
_chem_comp.type
_chem_comp.name
_chem_comp.formula
DA DNA linking 2'-DEOXYADENOSINE-5'-MONOPHOSPHATE 'C10 H14 N5 O6 P'
DC DNA linking 2'-DEOXYCYTIDINE-5'-MONOPHOSPHATE 'C9 H14 N3 O7 P'
DG DNA linking 2'-DEOXYGUANOSINE-5'-MONOPHOSPHATE 'C10 H14 N5 O7 P'
DT DNA linking THYMIDINE-5'-MONOPHOSPHATE 'C10 H15 N2 O8 P'
#
# COMPACT_ATOMS: atom_id res chain seq x y z
N LYS A 17 -11.51 -14.30 -6.24
CA LYS A 17 -12.48 -13.46 -5.46
C LYS A 17 -12.02 -11.97 -5.47
N GLN A 18 -12.90 -11.11 -5.95
CA GLN A 18 -12.55 -9.73 -6.07
C GLN A 18 -12.43 -8.97 -4.78
N ARG A 19 -11.31 -8.25 -4.69
CA ARG A 19 -10.96 -7.38 -3.59
C ARG A 19 -10.96 -5.95 -4.15
N ARG A 20 -10.85 -4.98 -3.24
CA ARG A 20 -10.85 -3.58 -3.63
C ARG A 20 -9.55 -3.32 -4.41
N SER A 21 -9.65 -2.67 -5.56
CA SER A 21 -8.49 -2.32 -6.35
C SER A 21 -7.48 -1.59 -5.46
N ARG A 22 -6.20 -1.73 -5.77
CA ARG A 22 -5.18 -1.08 -4.98
C ARG A 22 -5.32 0.41 -5.09
N THR A 23 -5.21 1.11 -3.99
CA THR A 23 -5.32 2.54 -4.07
C THR A 23 -3.92 3.09 -4.33
N THR A 24 -3.84 4.09 -5.20
CA THR A 24 -2.56 4.67 -5.55
C THR A 24 -2.51 6.05 -4.93
N PHE A 25 -1.48 6.27 -4.12
CA PHE A 25 -1.29 7.53 -3.44
C PHE A 25 -0.41 8.42 -4.28
N SER A 26 -0.75 9.71 -4.33
CA SER A 26 0.02 10.71 -5.08
C SER A 26 1.18 11.13 -4.20
N ALA A 27 2.24 11.70 -4.81
CA ALA A 27 3.41 12.18 -4.08
C ALA A 27 3.00 13.18 -2.98
N SER A 28 1.94 13.96 -3.27
CA SER A 28 1.37 14.95 -2.33
C SER A 28 0.72 14.27 -1.12
N GLN A 29 -0.09 13.24 -1.41
CA GLN A 29 -0.80 12.46 -0.39
C GLN A 29 0.19 11.66 0.44
N LEU A 30 1.21 11.11 -0.25
CA LEU A 30 2.30 10.32 0.38
C LEU A 30 3.16 11.19 1.28
N ASP A 31 3.40 12.44 0.88
CA ASP A 31 4.18 13.29 1.71
C ASP A 31 3.41 13.63 2.99
N GLU A 32 2.12 13.88 2.82
CA GLU A 32 1.24 14.23 3.92
C GLU A 32 1.12 13.10 4.91
N LEU A 33 0.97 11.87 4.40
CA LEU A 33 0.87 10.66 5.20
C LEU A 33 2.15 10.34 6.03
N GLU A 34 3.31 10.46 5.40
CA GLU A 34 4.55 10.20 6.09
C GLU A 34 4.90 11.23 7.13
N ARG A 35 4.62 12.49 6.85
CA ARG A 35 4.89 13.51 7.84
C ARG A 35 3.97 13.29 9.03
N ALA A 36 2.78 12.74 8.79
CA ALA A 36 1.85 12.43 9.90
C ALA A 36 2.42 11.23 10.65
N PHE A 37 2.94 10.25 9.91
CA PHE A 37 3.49 9.08 10.56
C PHE A 37 4.64 9.45 11.48
N GLU A 38 5.47 10.40 11.03
CA GLU A 38 6.61 10.92 11.82
C GLU A 38 6.17 11.62 13.10
N ARG A 39 5.02 12.28 13.05
CA ARG A 39 4.50 12.93 14.24
C ARG A 39 3.87 11.84 15.08
N THR A 40 3.11 10.95 14.45
CA THR A 40 2.43 9.85 15.17
C THR A 40 2.11 8.58 14.37
N GLN A 41 2.52 7.44 14.92
CA GLN A 41 2.31 6.13 14.29
C GLN A 41 0.96 5.52 14.62
N TYR A 42 0.29 6.07 15.61
CA TYR A 42 -1.03 5.60 15.98
C TYR A 42 -2.03 6.73 16.03
N PRO A 43 -2.26 7.36 14.87
CA PRO A 43 -3.20 8.47 14.78
C PRO A 43 -4.59 8.12 15.21
N ASP A 44 -5.12 8.88 16.17
CA ASP A 44 -6.46 8.62 16.62
C ASP A 44 -7.45 8.90 15.50
N ILE A 45 -8.71 8.69 15.81
CA ILE A 45 -9.75 8.83 14.84
C ILE A 45 -9.84 10.25 14.26
N TYR A 46 -9.61 11.23 15.13
CA TYR A 46 -9.69 12.63 14.71
C TYR A 46 -8.60 12.95 13.73
N THR A 47 -7.39 12.49 14.04
CA THR A 47 -6.22 12.71 13.18
C THR A 47 -6.46 12.08 11.81
N ARG A 48 -6.82 10.79 11.79
CA ARG A 48 -7.04 10.08 10.54
C ARG A 48 -8.11 10.81 9.72
N GLU A 49 -9.15 11.27 10.39
CA GLU A 49 -10.22 11.98 9.71
C GLU A 49 -9.74 13.30 9.14
N GLU A 50 -8.82 13.94 9.87
CA GLU A 50 -8.21 15.21 9.46
C GLU A 50 -7.36 14.93 8.23
N LEU A 51 -6.53 13.91 8.33
CA LEU A 51 -5.69 13.53 7.24
C LEU A 51 -6.53 13.27 6.01
N ALA A 52 -7.66 12.59 6.20
CA ALA A 52 -8.56 12.25 5.11
C ALA A 52 -8.98 13.53 4.39
N GLN A 53 -9.34 14.55 5.16
CA GLN A 53 -9.74 15.81 4.54
C GLN A 53 -8.62 16.37 3.70
N ARG A 54 -7.46 16.56 4.32
CA ARG A 54 -6.29 17.13 3.65
C ARG A 54 -5.89 16.46 2.35
N THR A 55 -5.90 15.15 2.36
CA THR A 55 -5.48 14.38 1.21
C THR A 55 -6.55 13.98 0.20
N ASN A 56 -7.80 13.92 0.66
CA ASN A 56 -8.95 13.52 -0.17
C ASN A 56 -9.04 11.99 -0.35
N LEU A 57 -8.47 11.26 0.61
CA LEU A 57 -8.55 9.81 0.63
C LEU A 57 -9.65 9.57 1.65
N THR A 58 -10.22 8.39 1.68
CA THR A 58 -11.26 8.12 2.67
C THR A 58 -10.47 7.75 3.92
N GLU A 59 -11.08 7.85 5.09
CA GLU A 59 -10.34 7.53 6.30
C GLU A 59 -10.06 6.03 6.39
N ALA A 60 -10.86 5.24 5.69
CA ALA A 60 -10.67 3.79 5.71
C ALA A 60 -9.30 3.44 5.09
N ARG A 61 -8.97 4.11 3.98
CA ARG A 61 -7.68 3.91 3.30
C ARG A 61 -6.50 4.43 4.15
N ILE A 62 -6.76 5.49 4.90
CA ILE A 62 -5.75 6.06 5.78
C ILE A 62 -5.40 5.06 6.85
N GLN A 63 -6.40 4.47 7.49
CA GLN A 63 -6.14 3.49 8.54
C GLN A 63 -5.34 2.33 7.98
N VAL A 64 -5.69 1.88 6.77
CA VAL A 64 -4.94 0.76 6.20
C VAL A 64 -3.48 1.15 5.91
N TRP A 65 -3.30 2.37 5.41
CA TRP A 65 -1.99 2.89 5.10
C TRP A 65 -1.14 2.88 6.35
N PHE A 66 -1.66 3.36 7.47
CA PHE A 66 -0.86 3.34 8.70
C PHE A 66 -0.52 1.91 9.15
N GLN A 67 -1.47 1.00 8.97
CA GLN A 67 -1.24 -0.39 9.34
C GLN A 67 -0.06 -0.91 8.55
N ASN A 68 -0.13 -0.80 7.23
CA ASN A 68 0.94 -1.28 6.39
C ASN A 68 2.25 -0.51 6.66
N ARG A 69 2.13 0.77 6.98
CA ARG A 69 3.30 1.60 7.29
C ARG A 69 4.05 1.08 8.54
N ARG A 70 3.31 0.78 9.63
CA ARG A 70 3.91 0.23 10.86
C ARG A 70 4.54 -1.12 10.59
N ALA A 71 4.02 -1.85 9.62
CA ALA A 71 4.53 -3.18 9.28
C ALA A 71 5.83 -3.07 8.46
N ARG A 72 5.94 -2.03 7.62
CA ARG A 72 7.14 -1.80 6.81
C ARG A 72 8.23 -1.42 7.82
N LEU A 73 7.86 -0.62 8.81
CA LEU A 73 8.79 -0.20 9.84
C LEU A 73 9.34 -1.43 10.60
N ARG A 74 8.45 -2.33 11.02
CA ARG A 74 8.88 -3.51 11.75
C ARG A 74 9.74 -4.48 10.91
N LYS A 75 9.40 -4.65 9.65
CA LYS A 75 10.15 -5.57 8.80
C LYS A 75 11.55 -5.08 8.51
N GLN A 76 11.70 -3.77 8.41
CA GLN A 76 12.98 -3.16 8.09
C GLN A 76 13.93 -3.30 9.25
N HIS A 77 13.40 -3.06 10.43
CA HIS A 77 14.21 -3.18 11.63
C HIS A 77 14.73 -4.58 11.87
N THR A 78 13.85 -5.58 11.76
CA THR A 78 14.26 -6.98 11.97
C THR A 78 15.32 -7.39 10.91
N SER A 79 15.08 -6.93 9.70
CA SER A 79 15.92 -7.19 8.57
C SER A 79 17.36 -6.78 8.81
N VAL A 80 17.55 -5.51 9.10
CA VAL A 80 18.89 -4.99 9.28
C VAL A 80 19.58 -5.43 10.58
N SER A 81 18.80 -5.86 11.57
CA SER A 81 19.34 -6.31 12.85
C SER A 81 19.97 -7.70 12.83
N GLN B 18 -7.73 7.39 20.85
CA GLN B 18 -9.22 7.46 20.71
C GLN B 18 -9.76 6.74 19.48
N ARG B 19 -10.73 5.85 19.72
CA ARG B 19 -11.38 5.05 18.68
C ARG B 19 -12.58 5.78 18.16
N ARG B 20 -13.05 5.38 16.98
CA ARG B 20 -14.25 5.97 16.42
C ARG B 20 -15.33 5.45 17.35
N SER B 21 -16.41 6.19 17.46
CA SER B 21 -17.50 5.75 18.32
C SER B 21 -18.17 4.51 17.75
N ARG B 22 -18.38 3.50 18.60
CA ARG B 22 -19.06 2.24 18.23
C ARG B 22 -20.32 2.51 17.42
N THR B 23 -20.47 1.81 16.30
CA THR B 23 -21.68 1.92 15.49
C THR B 23 -22.73 1.09 16.24
N THR B 24 -23.98 1.51 16.15
CA THR B 24 -25.02 0.72 16.79
C THR B 24 -25.87 0.30 15.62
N PHE B 25 -25.79 -0.98 15.25
CA PHE B 25 -26.58 -1.48 14.14
C PHE B 25 -28.05 -1.70 14.56
N SER B 26 -29.00 -1.26 13.73
CA SER B 26 -30.40 -1.48 14.03
C SER B 26 -30.76 -2.94 13.68
N ALA B 27 -31.91 -3.42 14.16
CA ALA B 27 -32.32 -4.79 13.84
C ALA B 27 -32.59 -4.99 12.36
N SER B 28 -33.11 -3.98 11.67
CA SER B 28 -33.34 -4.11 10.25
C SER B 28 -31.99 -4.23 9.49
N GLN B 29 -30.95 -3.53 9.97
CA GLN B 29 -29.58 -3.56 9.41
C GLN B 29 -28.96 -4.94 9.68
N LEU B 30 -29.08 -5.37 10.93
CA LEU B 30 -28.58 -6.67 11.34
C LEU B 30 -29.22 -7.81 10.55
N ASP B 31 -30.51 -7.72 10.23
CA ASP B 31 -31.16 -8.75 9.47
C ASP B 31 -30.59 -8.82 8.08
N GLU B 32 -30.34 -7.66 7.48
CA GLU B 32 -29.79 -7.64 6.16
C GLU B 32 -28.38 -8.29 6.13
N LEU B 33 -27.58 -7.98 7.16
CA LEU B 33 -26.20 -8.52 7.30
C LEU B 33 -26.16 -10.02 7.66
N GLU B 34 -27.10 -10.50 8.48
CA GLU B 34 -27.19 -11.91 8.81
C GLU B 34 -27.62 -12.70 7.57
N ARG B 35 -28.54 -12.14 6.78
CA ARG B 35 -28.94 -12.83 5.55
C ARG B 35 -27.80 -12.94 4.55
N ALA B 36 -26.99 -11.90 4.45
CA ALA B 36 -25.87 -11.89 3.54
C ALA B 36 -24.83 -12.88 4.05
N PHE B 37 -24.72 -12.98 5.36
CA PHE B 37 -23.74 -13.87 5.98
C PHE B 37 -24.05 -15.36 5.70
N GLU B 38 -25.32 -15.66 5.58
CA GLU B 38 -25.78 -16.98 5.25
C GLU B 38 -25.44 -17.33 3.78
N ARG B 39 -25.41 -16.33 2.89
CA ARG B 39 -25.06 -16.57 1.49
C ARG B 39 -23.57 -16.80 1.45
N THR B 40 -22.82 -15.93 2.10
CA THR B 40 -21.35 -16.10 2.20
C THR B 40 -20.74 -15.35 3.37
N GLN B 41 -19.84 -16.05 4.08
CA GLN B 41 -19.14 -15.48 5.22
C GLN B 41 -17.99 -14.61 4.77
N TYR B 42 -17.71 -14.65 3.47
CA TYR B 42 -16.60 -13.90 2.91
C TYR B 42 -17.05 -13.17 1.63
N PRO B 43 -17.96 -12.17 1.76
CA PRO B 43 -18.43 -11.45 0.58
C PRO B 43 -17.31 -10.63 -0.08
N ASP B 44 -17.38 -10.47 -1.39
CA ASP B 44 -16.37 -9.72 -2.05
C ASP B 44 -16.63 -8.23 -1.89
N ILE B 45 -15.79 -7.42 -2.49
CA ILE B 45 -15.89 -5.99 -2.41
C ILE B 45 -17.23 -5.44 -2.93
N TYR B 46 -17.68 -5.96 -4.08
CA TYR B 46 -18.94 -5.54 -4.69
C TYR B 46 -20.10 -5.82 -3.76
N THR B 47 -20.11 -7.01 -3.17
CA THR B 47 -21.14 -7.42 -2.22
C THR B 47 -21.07 -6.58 -0.94
N ARG B 48 -19.87 -6.22 -0.47
CA ARG B 48 -19.77 -5.42 0.74
C ARG B 48 -20.23 -4.00 0.49
N GLU B 49 -19.97 -3.51 -0.72
CA GLU B 49 -20.34 -2.15 -1.06
C GLU B 49 -21.82 -2.01 -1.32
N GLU B 50 -22.42 -3.07 -1.86
CA GLU B 50 -23.85 -3.13 -2.14
C GLU B 50 -24.56 -3.09 -0.82
N LEU B 51 -24.04 -3.85 0.14
CA LEU B 51 -24.64 -3.91 1.46
C LEU B 51 -24.54 -2.57 2.17
N ALA B 52 -23.37 -1.94 2.11
CA ALA B 52 -23.14 -0.64 2.74
C ALA B 52 -24.16 0.38 2.23
N GLN B 53 -24.36 0.39 0.91
CA GLN B 53 -25.29 1.28 0.25
C GLN B 53 -26.69 0.95 0.72
N ARG B 54 -26.99 -0.35 0.84
CA ARG B 54 -28.33 -0.75 1.29
C ARG B 54 -28.65 -0.41 2.75
N THR B 55 -27.66 -0.43 3.63
CA THR B 55 -27.86 -0.18 5.06
C THR B 55 -27.42 1.22 5.53
N ASN B 56 -27.00 2.06 4.62
CA ASN B 56 -26.53 3.37 5.02
C ASN B 56 -25.35 3.29 5.95
N LEU B 57 -24.48 2.30 5.73
CA LEU B 57 -23.25 2.13 6.51
C LEU B 57 -22.12 2.21 5.51
N THR B 58 -20.90 2.35 6.02
CA THR B 58 -19.71 2.39 5.18
C THR B 58 -19.21 0.97 4.96
N GLU B 59 -18.60 0.73 3.82
CA GLU B 59 -18.04 -0.58 3.52
C GLU B 59 -17.11 -1.02 4.64
N ALA B 60 -16.46 -0.06 5.30
CA ALA B 60 -15.54 -0.43 6.35
C ALA B 60 -16.22 -1.04 7.54
N ARG B 61 -17.37 -0.46 7.94
CA ARG B 61 -18.09 -1.00 9.09
C ARG B 61 -18.61 -2.40 8.76
N ILE B 62 -18.96 -2.61 7.48
CA ILE B 62 -19.48 -3.89 6.99
C ILE B 62 -18.38 -4.92 7.03
N GLN B 63 -17.21 -4.51 6.55
CA GLN B 63 -16.09 -5.40 6.61
C GLN B 63 -15.81 -5.82 8.03
N VAL B 64 -15.77 -4.86 8.97
CA VAL B 64 -15.49 -5.20 10.36
C VAL B 64 -16.60 -6.13 10.95
N TRP B 65 -17.87 -5.93 10.58
CA TRP B 65 -18.99 -6.75 11.10
C TRP B 65 -18.78 -8.21 10.70
N PHE B 66 -18.44 -8.41 9.45
CA PHE B 66 -18.18 -9.76 8.99
C PHE B 66 -16.96 -10.40 9.69
N GLN B 67 -15.90 -9.62 9.88
CA GLN B 67 -14.69 -10.09 10.53
C GLN B 67 -15.04 -10.58 11.91
N ASN B 68 -15.84 -9.79 12.63
CA ASN B 68 -16.22 -10.14 13.99
C ASN B 68 -17.23 -11.26 14.00
N ARG B 69 -18.07 -11.30 12.98
CA ARG B 69 -19.10 -12.32 12.87
C ARG B 69 -18.45 -13.68 12.52
N ARG B 70 -17.31 -13.65 11.84
CA ARG B 70 -16.60 -14.88 11.52
C ARG B 70 -15.89 -15.37 12.78
N ALA B 71 -15.40 -14.42 13.55
CA ALA B 71 -14.73 -14.74 14.80
C ALA B 71 -15.67 -15.53 15.72
N ARG B 72 -16.76 -14.90 16.16
CA ARG B 72 -17.78 -15.50 17.01
C ARG B 72 -18.17 -16.90 16.54
N LEU B 73 -18.49 -17.03 15.25
CA LEU B 73 -18.88 -18.30 14.68
C LEU B 73 -17.77 -19.33 14.87
N ARG B 74 -16.53 -18.92 14.60
CA ARG B 74 -15.38 -19.81 14.76
C ARG B 74 -15.21 -20.17 16.24
N LYS B 75 -15.49 -19.21 17.11
CA LYS B 75 -15.35 -19.43 18.53
C LYS B 75 -16.57 -20.21 19.05
N LYS C 17 15.73 -21.55 -20.83
CA LYS C 17 14.96 -22.11 -19.66
C LYS C 17 14.97 -21.15 -18.47
N GLN C 18 15.65 -21.54 -17.41
CA GLN C 18 15.79 -20.71 -16.22
C GLN C 18 16.49 -19.38 -16.59
N ARG C 19 16.07 -18.32 -15.92
CA ARG C 19 16.65 -17.01 -16.15
C ARG C 19 17.50 -16.79 -14.94
N ARG C 20 18.36 -15.77 -14.99
CA ARG C 20 19.18 -15.51 -13.83
C ARG C 20 18.25 -14.95 -12.76
N SER C 21 18.57 -15.15 -11.50
CA SER C 21 17.77 -14.60 -10.44
C SER C 21 17.67 -13.08 -10.57
N ARG C 22 16.49 -12.57 -10.32
CA ARG C 22 16.22 -11.16 -10.39
C ARG C 22 17.12 -10.44 -9.42
N THR C 23 17.78 -9.40 -9.93
CA THR C 23 18.64 -8.55 -9.17
C THR C 23 17.80 -7.52 -8.42
N THR C 24 18.11 -7.35 -7.15
CA THR C 24 17.46 -6.39 -6.29
C THR C 24 18.56 -5.39 -6.01
N PHE C 25 18.39 -4.18 -6.50
CA PHE C 25 19.36 -3.09 -6.30
C PHE C 25 19.04 -2.41 -4.96
N SER C 26 20.05 -2.09 -4.18
CA SER C 26 19.77 -1.38 -2.94
C SER C 26 19.43 0.06 -3.31
N ALA C 27 18.89 0.82 -2.36
CA ALA C 27 18.58 2.24 -2.58
C ALA C 27 19.90 3.02 -2.80
N SER C 28 20.93 2.66 -2.06
CA SER C 28 22.22 3.30 -2.22
C SER C 28 22.66 3.15 -3.72
N GLN C 29 22.48 1.94 -4.27
CA GLN C 29 22.83 1.58 -5.66
C GLN C 29 21.97 2.25 -6.68
N LEU C 30 20.65 2.17 -6.48
CA LEU C 30 19.72 2.77 -7.40
C LEU C 30 19.88 4.26 -7.52
N ASP C 31 20.42 4.91 -6.48
CA ASP C 31 20.63 6.35 -6.51
C ASP C 31 21.85 6.68 -7.36
N GLU C 32 22.88 5.83 -7.23
CA GLU C 32 24.11 6.03 -7.96
C GLU C 32 23.81 5.95 -9.45
N LEU C 33 22.78 5.18 -9.78
CA LEU C 33 22.32 4.98 -11.16
C LEU C 33 21.41 6.11 -11.60
N GLU C 34 20.70 6.71 -10.66
CA GLU C 34 19.82 7.83 -11.01
C GLU C 34 20.62 9.11 -11.26
N ARG C 35 21.59 9.39 -10.40
CA ARG C 35 22.42 10.57 -10.59
C ARG C 35 23.07 10.43 -11.98
N ALA C 36 23.42 9.18 -12.33
CA ALA C 36 24.04 8.83 -13.62
C ALA C 36 23.10 9.07 -14.81
N PHE C 37 21.91 8.52 -14.70
CA PHE C 37 20.92 8.65 -15.74
C PHE C 37 20.59 10.13 -15.93
N GLU C 38 20.61 10.87 -14.83
CA GLU C 38 20.31 12.28 -14.86
C GLU C 38 21.31 13.02 -15.72
N ARG C 39 22.55 12.55 -15.76
CA ARG C 39 23.55 13.19 -16.59
C ARG C 39 23.54 12.69 -18.04
N THR C 40 23.21 11.42 -18.22
CA THR C 40 23.19 10.81 -19.55
C THR C 40 22.32 9.57 -19.60
N GLN C 41 21.27 9.60 -20.41
CA GLN C 41 20.37 8.45 -20.56
C GLN C 41 21.02 7.34 -21.42
N TYR C 42 22.18 7.62 -22.02
CA TYR C 42 22.88 6.62 -22.83
C TYR C 42 24.35 6.67 -22.44
N PRO C 43 24.71 6.12 -21.27
CA PRO C 43 26.11 6.14 -20.83
C PRO C 43 27.04 5.27 -21.68
N ASP C 44 28.24 5.75 -21.95
CA ASP C 44 29.16 4.97 -22.74
C ASP C 44 29.83 3.85 -21.93
N ILE C 45 30.41 2.89 -22.62
CA ILE C 45 31.03 1.78 -21.93
C ILE C 45 31.89 2.16 -20.69
N TYR C 46 32.76 3.17 -20.81
CA TYR C 46 33.64 3.60 -19.72
C TYR C 46 32.76 4.02 -18.56
N THR C 47 31.72 4.77 -18.89
CA THR C 47 30.81 5.25 -17.88
C THR C 47 30.16 4.07 -17.18
N ARG C 48 29.59 3.16 -17.97
CA ARG C 48 28.96 1.98 -17.37
C ARG C 48 29.90 1.10 -16.52
N GLU C 49 31.18 1.05 -16.88
CA GLU C 49 32.14 0.26 -16.12
C GLU C 49 32.56 0.97 -14.85
N GLU C 50 32.47 2.30 -14.87
CA GLU C 50 32.79 3.09 -13.70
C GLU C 50 31.64 2.86 -12.71
N LEU C 51 30.41 2.89 -13.19
CA LEU C 51 29.30 2.67 -12.29
C LEU C 51 29.34 1.26 -11.71
N ALA C 52 29.63 0.30 -12.55
CA ALA C 52 29.67 -1.08 -12.13
C ALA C 52 30.65 -1.23 -11.00
N GLN C 53 31.85 -0.69 -11.20
CA GLN C 53 32.89 -0.79 -10.21
C GLN C 53 32.49 -0.12 -8.90
N ARG C 54 31.73 0.97 -9.01
CA ARG C 54 31.26 1.72 -7.86
C ARG C 54 30.11 1.09 -7.08
N THR C 55 29.20 0.44 -7.77
CA THR C 55 28.04 -0.18 -7.12
C THR C 55 28.30 -1.67 -6.88
N ASN C 56 29.47 -2.12 -7.32
CA ASN C 56 29.87 -3.51 -7.21
C ASN C 56 28.87 -4.44 -7.86
N LEU C 57 28.46 -4.06 -9.06
CA LEU C 57 27.53 -4.84 -9.88
C LEU C 57 28.32 -5.12 -11.16
N THR C 58 27.73 -5.84 -12.10
CA THR C 58 28.42 -6.10 -13.37
C THR C 58 27.98 -5.02 -14.36
N GLU C 59 28.81 -4.70 -15.34
CA GLU C 59 28.41 -3.69 -16.30
C GLU C 59 27.21 -4.21 -17.04
N ALA C 60 27.09 -5.54 -17.09
CA ALA C 60 25.95 -6.17 -17.77
C ALA C 60 24.60 -5.83 -17.07
N ARG C 61 24.56 -5.89 -15.74
CA ARG C 61 23.33 -5.50 -15.06
C ARG C 61 23.12 -4.00 -15.31
N ILE C 62 24.19 -3.22 -15.27
CA ILE C 62 24.11 -1.77 -15.49
C ILE C 62 23.46 -1.45 -16.84
N GLN C 63 23.93 -2.11 -17.89
CA GLN C 63 23.42 -1.88 -19.24
C GLN C 63 21.96 -2.18 -19.36
N VAL C 64 21.49 -3.26 -18.74
CA VAL C 64 20.08 -3.65 -18.79
C VAL C 64 19.26 -2.61 -18.02
N TRP C 65 19.76 -2.19 -16.85
CA TRP C 65 19.05 -1.20 -16.06
C TRP C 65 18.75 0.04 -16.91
N PHE C 66 19.77 0.59 -17.56
CA PHE C 66 19.57 1.77 -18.39
C PHE C 66 18.60 1.49 -19.51
N GLN C 67 18.63 0.27 -20.02
CA GLN C 67 17.74 -0.09 -21.09
C GLN C 67 16.35 -0.02 -20.55
N ASN C 68 16.13 -0.57 -19.37
CA ASN C 68 14.80 -0.56 -18.77
C ASN C 68 14.37 0.84 -18.24
N ARG C 69 15.35 1.61 -17.79
CA ARG C 69 15.15 2.97 -17.27
C ARG C 69 14.64 3.83 -18.42
N ARG C 70 15.29 3.68 -19.58
CA ARG C 70 14.89 4.40 -20.79
C ARG C 70 13.51 3.88 -21.24
N ALA C 71 13.29 2.59 -21.14
CA ALA C 71 12.01 2.04 -21.51
C ALA C 71 10.91 2.69 -20.69
N ARG C 72 11.16 2.98 -19.41
CA ARG C 72 10.11 3.63 -18.60
C ARG C 72 9.84 5.02 -19.16
N LEU C 73 10.90 5.83 -19.19
CA LEU C 73 10.83 7.19 -19.69
C LEU C 73 10.11 7.29 -21.01
N ARG C 74 10.30 6.32 -21.89
CA ARG C 74 9.63 6.35 -23.19
C ARG C 74 8.17 5.89 -23.08
N LYS C 75 7.90 4.92 -22.21
CA LYS C 75 6.55 4.39 -22.04
C LYS C 75 5.62 5.45 -21.47
#